data_8SC7
#
_entry.id   8SC7
#
_cell.length_a   145.517
_cell.length_b   145.517
_cell.length_c   145.517
_cell.angle_alpha   90.000
_cell.angle_beta   90.000
_cell.angle_gamma   90.000
#
_symmetry.space_group_name_H-M   'I 2 3'
#
loop_
_entity.id
_entity.type
_entity.pdbx_description
1 polymer 'Epidermal growth factor receptor'
2 non-polymer GLYCEROL
3 non-polymer 'CHLORIDE ION'
4 non-polymer N-[(5P)-2-chloro-5-(4-{[(1R)-1-phenylethyl]amino}quinazolin-6-yl)pyridin-3-yl]methanesulfonamide
5 water water
#
_entity_poly.entity_id   1
_entity_poly.type   'polypeptide(L)'
_entity_poly.pdbx_seq_one_letter_code
;GAMGEAPNQALLRILKETEFKKIKVLGSGAFGTVYKGLWIPEGEKVKIPVAIKELREATSPKANKEILDEAYVMASVDNP
HVCRLLGICLTSTVQLITQLMPFGCLLDYVREHKDNIGSQYLLNWCVQIAKGMNYLEDRRLVHRDLAARNVLVKTPQHVK
ITDFGLAKLLGAEEKEYHAEGGKVPIKWMALESILHRIYTHQSDVWSYGVTVWELMTFGSKPYDGIPASEISSILEKGER
LPQPPICTIDVYMIMVKCWMIDADSRPKFRELIIEFSKMARDPQRYLVIQGDERMHLPSPTDSNFYRALMDEEDMDDVVD
ADEYLIPQQG
;
_entity_poly.pdbx_strand_id   A
#
loop_
_chem_comp.id
_chem_comp.type
_chem_comp.name
_chem_comp.formula
CL non-polymer 'CHLORIDE ION' 'Cl -1'
D0D non-polymer N-[(5P)-2-chloro-5-(4-{[(1R)-1-phenylethyl]amino}quinazolin-6-yl)pyridin-3-yl]methanesulfonamide 'C22 H20 Cl N5 O2 S'
GOL non-polymer GLYCEROL 'C3 H8 O3'
#
# COMPACT_ATOMS: atom_id res chain seq x y z
N ALA A 2 9.02 -25.25 15.71
CA ALA A 2 9.38 -25.34 14.27
C ALA A 2 10.90 -25.30 14.09
N MET A 3 11.41 -25.98 13.06
CA MET A 3 12.83 -25.97 12.75
C MET A 3 13.18 -24.71 11.97
N GLY A 4 12.29 -24.33 11.04
CA GLY A 4 12.44 -23.11 10.27
C GLY A 4 11.75 -21.92 10.96
N GLU A 5 11.02 -21.11 10.18
CA GLU A 5 10.21 -20.03 10.73
C GLU A 5 9.04 -20.57 11.59
N ALA A 6 8.46 -19.68 12.42
CA ALA A 6 7.30 -20.00 13.25
C ALA A 6 6.05 -20.38 12.41
N PRO A 7 5.14 -21.21 12.96
CA PRO A 7 3.91 -21.58 12.27
C PRO A 7 3.01 -20.37 12.04
N ASN A 8 2.48 -20.25 10.82
CA ASN A 8 1.53 -19.21 10.47
C ASN A 8 0.12 -19.64 10.88
N GLN A 9 -0.36 -19.16 12.04
CA GLN A 9 -1.66 -19.54 12.58
C GLN A 9 -2.77 -18.55 12.22
N ALA A 10 -2.60 -17.75 11.14
CA ALA A 10 -3.68 -16.93 10.63
C ALA A 10 -4.89 -17.80 10.23
N LEU A 11 -6.09 -17.27 10.46
CA LEU A 11 -7.34 -17.93 10.09
C LEU A 11 -7.78 -17.42 8.71
N LEU A 12 -8.05 -18.35 7.79
CA LEU A 12 -8.65 -18.02 6.51
C LEU A 12 -10.15 -18.25 6.61
N ARG A 13 -10.93 -17.17 6.55
CA ARG A 13 -12.38 -17.24 6.62
C ARG A 13 -12.95 -17.45 5.21
N ILE A 14 -13.79 -18.49 5.05
CA ILE A 14 -14.51 -18.75 3.82
C ILE A 14 -15.89 -18.12 3.97
N LEU A 15 -16.26 -17.25 3.02
CA LEU A 15 -17.44 -16.41 3.13
C LEU A 15 -18.47 -16.83 2.07
N LYS A 16 -19.73 -16.98 2.50
CA LYS A 16 -20.82 -17.34 1.61
C LYS A 16 -21.17 -16.16 0.70
N GLU A 17 -21.45 -16.47 -0.57
CA GLU A 17 -21.82 -15.45 -1.57
C GLU A 17 -23.04 -14.63 -1.15
N THR A 18 -23.97 -15.24 -0.39
CA THR A 18 -25.20 -14.60 0.06
C THR A 18 -25.01 -13.62 1.21
N GLU A 19 -23.81 -13.55 1.78
CA GLU A 19 -23.52 -12.56 2.81
C GLU A 19 -23.14 -11.21 2.18
N PHE A 20 -22.96 -11.15 0.86
CA PHE A 20 -22.55 -9.93 0.18
C PHE A 20 -23.73 -9.28 -0.55
N LYS A 21 -23.86 -7.95 -0.41
CA LYS A 21 -24.94 -7.15 -0.98
C LYS A 21 -24.39 -5.88 -1.64
N LYS A 22 -25.20 -5.22 -2.48
CA LYS A 22 -24.94 -3.89 -3.05
C LYS A 22 -23.63 -3.79 -3.84
N ILE A 23 -23.36 -4.84 -4.63
CA ILE A 23 -22.12 -4.98 -5.37
C ILE A 23 -22.09 -3.98 -6.54
N LYS A 24 -21.05 -3.13 -6.60
CA LYS A 24 -20.87 -2.13 -7.66
C LYS A 24 -19.40 -2.09 -8.11
N VAL A 25 -19.14 -1.97 -9.42
CA VAL A 25 -17.78 -2.00 -9.96
C VAL A 25 -17.02 -0.72 -9.61
N LEU A 26 -15.82 -0.89 -9.05
CA LEU A 26 -14.86 0.20 -8.85
C LEU A 26 -13.86 0.30 -10.00
N GLY A 27 -13.50 -0.84 -10.60
CA GLY A 27 -12.48 -0.87 -11.63
C GLY A 27 -12.31 -2.27 -12.23
N SER A 28 -11.77 -2.30 -13.46
CA SER A 28 -11.58 -3.53 -14.21
C SER A 28 -10.31 -3.45 -15.04
N GLY A 29 -9.88 -4.63 -15.52
CA GLY A 29 -8.73 -4.78 -16.39
C GLY A 29 -8.79 -6.07 -17.18
N ALA A 30 -7.62 -6.64 -17.49
CA ALA A 30 -7.53 -7.88 -18.25
C ALA A 30 -7.71 -9.08 -17.32
N PHE A 31 -7.09 -9.01 -16.14
CA PHE A 31 -7.02 -10.14 -15.20
C PHE A 31 -8.34 -10.27 -14.44
N GLY A 32 -8.94 -9.13 -14.10
CA GLY A 32 -10.16 -9.19 -13.32
C GLY A 32 -10.74 -7.84 -12.92
N THR A 33 -11.60 -7.90 -11.90
CA THR A 33 -12.48 -6.80 -11.52
C THR A 33 -12.44 -6.58 -10.01
N VAL A 34 -12.52 -5.30 -9.60
CA VAL A 34 -12.70 -4.92 -8.22
C VAL A 34 -14.06 -4.23 -8.06
N TYR A 35 -14.82 -4.65 -7.04
CA TYR A 35 -16.12 -4.11 -6.70
C TYR A 35 -16.11 -3.56 -5.27
N LYS A 36 -16.96 -2.58 -4.97
CA LYS A 36 -17.40 -2.27 -3.61
C LYS A 36 -18.64 -3.11 -3.27
N GLY A 37 -18.91 -3.29 -1.98
CA GLY A 37 -20.13 -3.93 -1.52
C GLY A 37 -20.27 -3.88 0.00
N LEU A 38 -21.31 -4.51 0.52
CA LEU A 38 -21.49 -4.72 1.95
C LEU A 38 -21.43 -6.22 2.27
N TRP A 39 -20.67 -6.57 3.29
CA TRP A 39 -20.67 -7.90 3.86
C TRP A 39 -21.49 -7.87 5.14
N ILE A 40 -22.47 -8.76 5.21
CA ILE A 40 -23.42 -8.86 6.31
C ILE A 40 -23.32 -10.28 6.83
N PRO A 41 -22.34 -10.58 7.71
CA PRO A 41 -22.20 -11.93 8.24
C PRO A 41 -23.47 -12.38 8.96
N GLU A 42 -23.85 -13.66 8.81
CA GLU A 42 -25.22 -14.09 9.06
C GLU A 42 -25.64 -13.87 10.51
N GLY A 43 -26.71 -13.09 10.71
CA GLY A 43 -27.31 -12.86 12.03
C GLY A 43 -26.50 -11.96 12.98
N GLU A 44 -25.36 -11.40 12.57
CA GLU A 44 -24.53 -10.56 13.42
C GLU A 44 -25.09 -9.15 13.68
N LYS A 45 -25.94 -8.64 12.79
CA LYS A 45 -26.44 -7.28 12.94
C LYS A 45 -25.36 -6.22 12.65
N VAL A 46 -24.40 -6.53 11.79
CA VAL A 46 -23.40 -5.56 11.34
C VAL A 46 -23.38 -5.58 9.81
N LYS A 47 -23.06 -4.41 9.23
CA LYS A 47 -22.87 -4.32 7.80
C LYS A 47 -21.47 -3.76 7.63
N ILE A 48 -20.61 -4.46 6.89
CA ILE A 48 -19.23 -4.07 6.77
C ILE A 48 -18.94 -3.66 5.32
N PRO A 49 -18.54 -2.41 5.04
CA PRO A 49 -18.14 -2.00 3.71
C PRO A 49 -16.88 -2.76 3.25
N VAL A 50 -16.96 -3.39 2.09
CA VAL A 50 -15.90 -4.25 1.58
C VAL A 50 -15.52 -3.90 0.13
N ALA A 51 -14.26 -4.15 -0.19
CA ALA A 51 -13.80 -4.30 -1.56
C ALA A 51 -13.66 -5.79 -1.87
N ILE A 52 -14.08 -6.17 -3.07
CA ILE A 52 -14.14 -7.54 -3.53
C ILE A 52 -13.34 -7.61 -4.82
N LYS A 53 -12.30 -8.45 -4.90
CA LYS A 53 -11.51 -8.62 -6.10
C LYS A 53 -11.67 -10.04 -6.63
N GLU A 54 -11.85 -10.18 -7.94
CA GLU A 54 -11.88 -11.49 -8.59
C GLU A 54 -11.13 -11.46 -9.92
N LEU A 55 -10.62 -12.62 -10.32
CA LEU A 55 -10.22 -12.83 -11.71
C LEU A 55 -11.46 -13.01 -12.58
N ARG A 56 -11.35 -12.59 -13.84
CA ARG A 56 -12.41 -12.68 -14.84
C ARG A 56 -12.82 -14.14 -15.00
N GLU A 57 -11.83 -14.98 -15.34
CA GLU A 57 -12.08 -16.41 -15.54
C GLU A 57 -11.15 -17.26 -14.68
N ALA A 58 -11.46 -18.56 -14.61
CA ALA A 58 -10.69 -19.45 -13.77
C ALA A 58 -9.84 -20.38 -14.63
N THR A 59 -9.34 -19.87 -15.77
CA THR A 59 -8.65 -20.70 -16.74
C THR A 59 -7.21 -20.24 -16.96
N SER A 60 -6.52 -19.86 -15.87
CA SER A 60 -5.08 -19.66 -15.90
C SER A 60 -4.44 -20.19 -14.62
N PRO A 61 -3.92 -21.44 -14.65
CA PRO A 61 -3.42 -21.98 -13.40
C PRO A 61 -2.52 -20.98 -12.67
N LYS A 62 -1.64 -20.31 -13.44
CA LYS A 62 -0.73 -19.30 -12.92
C LYS A 62 -1.49 -18.16 -12.22
N ALA A 63 -2.56 -17.64 -12.83
CA ALA A 63 -3.37 -16.59 -12.23
C ALA A 63 -4.12 -17.07 -10.98
N ASN A 64 -4.72 -18.26 -11.01
CA ASN A 64 -5.42 -18.82 -9.84
C ASN A 64 -4.47 -19.02 -8.67
N LYS A 65 -3.25 -19.51 -8.94
CA LYS A 65 -2.21 -19.70 -7.94
C LYS A 65 -1.74 -18.34 -7.40
N GLU A 66 -1.55 -17.34 -8.27
CA GLU A 66 -1.17 -16.00 -7.85
C GLU A 66 -2.21 -15.34 -6.94
N ILE A 67 -3.51 -15.39 -7.26
CA ILE A 67 -4.51 -14.74 -6.40
C ILE A 67 -4.65 -15.43 -5.04
N LEU A 68 -4.45 -16.75 -4.97
CA LEU A 68 -4.46 -17.46 -3.69
C LEU A 68 -3.18 -17.24 -2.88
N ASP A 69 -2.02 -17.03 -3.53
CA ASP A 69 -0.82 -16.55 -2.86
C ASP A 69 -1.04 -15.15 -2.28
N GLU A 70 -1.71 -14.26 -3.00
CA GLU A 70 -2.06 -12.95 -2.49
C GLU A 70 -2.98 -13.05 -1.27
N ALA A 71 -4.00 -13.91 -1.33
CA ALA A 71 -4.88 -14.16 -0.21
C ALA A 71 -4.12 -14.67 1.01
N TYR A 72 -3.16 -15.59 0.82
CA TYR A 72 -2.34 -16.11 1.90
C TYR A 72 -1.58 -14.97 2.60
N VAL A 73 -0.94 -14.08 1.85
CA VAL A 73 -0.21 -12.96 2.43
C VAL A 73 -1.16 -12.00 3.15
N MET A 74 -2.24 -11.55 2.49
CA MET A 74 -3.18 -10.62 3.11
C MET A 74 -3.88 -11.19 4.34
N ALA A 75 -4.13 -12.50 4.42
CA ALA A 75 -4.69 -13.10 5.61
C ALA A 75 -3.69 -13.16 6.76
N SER A 76 -2.39 -13.10 6.45
CA SER A 76 -1.31 -13.29 7.41
C SER A 76 -0.83 -12.00 8.06
N VAL A 77 -1.38 -10.83 7.70
CA VAL A 77 -0.96 -9.53 8.22
C VAL A 77 -2.05 -8.93 9.12
N ASP A 78 -1.59 -8.22 10.17
CA ASP A 78 -2.50 -7.51 11.08
C ASP A 78 -1.78 -6.31 11.69
N ASN A 79 -1.94 -5.15 11.05
CA ASN A 79 -1.34 -3.90 11.50
C ASN A 79 -2.22 -2.75 11.01
N PRO A 80 -2.36 -1.64 11.76
CA PRO A 80 -3.21 -0.54 11.31
C PRO A 80 -2.83 0.12 9.98
N HIS A 81 -1.59 -0.07 9.51
CA HIS A 81 -1.12 0.54 8.26
C HIS A 81 -0.91 -0.48 7.12
N VAL A 82 -1.51 -1.66 7.27
N VAL A 82 -1.59 -1.62 7.24
CA VAL A 82 -1.55 -2.64 6.20
CA VAL A 82 -1.56 -2.66 6.25
C VAL A 82 -2.97 -3.19 6.09
C VAL A 82 -2.96 -3.23 6.10
N CYS A 83 -3.41 -3.41 4.85
CA CYS A 83 -4.73 -3.98 4.58
C CYS A 83 -4.73 -5.50 4.75
N ARG A 84 -5.73 -6.01 5.49
N ARG A 84 -5.72 -6.01 5.49
CA ARG A 84 -5.88 -7.42 5.80
CA ARG A 84 -5.83 -7.44 5.73
C ARG A 84 -7.03 -8.05 4.99
N LEU A 85 -6.87 -9.32 4.66
CA LEU A 85 -7.98 -10.04 4.05
C LEU A 85 -9.07 -10.32 5.09
N LEU A 86 -10.34 -10.03 4.78
CA LEU A 86 -11.44 -10.46 5.64
C LEU A 86 -11.80 -11.94 5.39
N GLY A 87 -11.70 -12.38 4.13
CA GLY A 87 -11.92 -13.76 3.75
C GLY A 87 -11.88 -13.93 2.25
N ILE A 88 -12.19 -15.15 1.80
CA ILE A 88 -12.38 -15.46 0.39
C ILE A 88 -13.78 -16.02 0.15
N CYS A 89 -14.32 -15.77 -1.03
CA CYS A 89 -15.55 -16.40 -1.48
C CYS A 89 -15.22 -17.36 -2.63
N LEU A 90 -15.68 -18.61 -2.50
CA LEU A 90 -15.37 -19.70 -3.43
C LEU A 90 -16.53 -19.90 -4.40
N THR A 91 -16.84 -18.85 -5.16
CA THR A 91 -17.72 -18.94 -6.32
C THR A 91 -17.01 -19.66 -7.48
N SER A 92 -17.58 -19.60 -8.69
CA SER A 92 -16.90 -20.07 -9.90
C SER A 92 -15.51 -19.43 -10.03
N THR A 93 -15.44 -18.10 -9.83
CA THR A 93 -14.20 -17.38 -9.59
C THR A 93 -13.85 -17.41 -8.10
N VAL A 94 -12.55 -17.43 -7.78
CA VAL A 94 -12.12 -17.08 -6.42
C VAL A 94 -12.22 -15.57 -6.26
N GLN A 95 -12.84 -15.13 -5.17
CA GLN A 95 -12.96 -13.72 -4.84
C GLN A 95 -12.28 -13.44 -3.50
N LEU A 96 -11.46 -12.38 -3.44
CA LEU A 96 -10.80 -11.91 -2.24
C LEU A 96 -11.60 -10.73 -1.68
N ILE A 97 -11.80 -10.72 -0.37
CA ILE A 97 -12.65 -9.77 0.30
C ILE A 97 -11.81 -9.02 1.33
N THR A 98 -11.86 -7.68 1.31
CA THR A 98 -11.11 -6.85 2.26
C THR A 98 -11.93 -5.63 2.65
N GLN A 99 -11.52 -4.93 3.71
CA GLN A 99 -12.12 -3.67 4.11
C GLN A 99 -12.12 -2.68 2.95
N LEU A 100 -13.25 -2.04 2.66
CA LEU A 100 -13.29 -0.97 1.67
C LEU A 100 -12.48 0.23 2.16
N MET A 101 -11.60 0.78 1.30
CA MET A 101 -10.86 2.01 1.57
C MET A 101 -11.58 3.00 0.68
N PRO A 102 -12.47 3.85 1.23
CA PRO A 102 -13.43 4.55 0.39
C PRO A 102 -12.87 5.73 -0.41
N PHE A 103 -11.72 6.29 -0.02
CA PHE A 103 -11.09 7.39 -0.75
C PHE A 103 -10.14 6.91 -1.87
N GLY A 104 -10.03 5.60 -2.11
CA GLY A 104 -9.23 5.05 -3.19
C GLY A 104 -7.74 5.03 -2.90
N CYS A 105 -6.94 5.04 -3.97
CA CYS A 105 -5.50 4.98 -3.82
C CYS A 105 -4.92 6.37 -3.61
N LEU A 106 -3.78 6.41 -2.92
CA LEU A 106 -3.18 7.65 -2.52
C LEU A 106 -2.61 8.41 -3.72
N LEU A 107 -2.14 7.72 -4.77
CA LEU A 107 -1.71 8.38 -5.99
C LEU A 107 -2.83 9.22 -6.62
N ASP A 108 -4.01 8.67 -6.77
CA ASP A 108 -5.06 9.42 -7.38
C ASP A 108 -5.54 10.48 -6.40
N TYR A 109 -5.55 10.17 -5.11
CA TYR A 109 -5.95 11.15 -4.12
C TYR A 109 -5.05 12.39 -4.18
N VAL A 110 -3.72 12.23 -4.20
CA VAL A 110 -2.83 13.38 -4.25
C VAL A 110 -2.97 14.17 -5.55
N ARG A 111 -3.23 13.51 -6.69
CA ARG A 111 -3.50 14.19 -7.95
C ARG A 111 -4.79 15.00 -7.89
N GLU A 112 -5.86 14.37 -7.40
CA GLU A 112 -7.19 14.95 -7.40
C GLU A 112 -7.32 16.12 -6.41
N HIS A 113 -6.59 16.08 -5.29
CA HIS A 113 -6.68 17.06 -4.22
C HIS A 113 -5.41 17.90 -4.02
N LYS A 114 -4.51 18.01 -5.02
CA LYS A 114 -3.20 18.66 -4.86
C LYS A 114 -3.23 20.10 -4.35
N ASP A 115 -4.36 20.81 -4.48
CA ASP A 115 -4.44 22.19 -4.04
C ASP A 115 -4.90 22.33 -2.59
N ASN A 116 -5.29 21.21 -1.98
CA ASN A 116 -5.82 21.18 -0.63
C ASN A 116 -5.01 20.25 0.30
N ILE A 117 -3.85 19.76 -0.15
CA ILE A 117 -2.99 18.89 0.64
C ILE A 117 -1.85 19.69 1.23
N GLY A 118 -1.80 19.74 2.57
CA GLY A 118 -0.76 20.44 3.30
C GLY A 118 0.40 19.55 3.75
N SER A 119 1.44 20.18 4.29
CA SER A 119 2.66 19.50 4.70
C SER A 119 2.42 18.46 5.80
N GLN A 120 1.47 18.72 6.70
CA GLN A 120 1.15 17.82 7.80
C GLN A 120 0.61 16.48 7.29
N TYR A 121 -0.29 16.52 6.29
CA TYR A 121 -0.79 15.31 5.65
C TYR A 121 0.32 14.54 4.95
N LEU A 122 1.17 15.21 4.15
CA LEU A 122 2.24 14.53 3.43
C LEU A 122 3.23 13.82 4.38
N LEU A 123 3.69 14.50 5.42
CA LEU A 123 4.63 13.92 6.35
C LEU A 123 3.99 12.81 7.18
N ASN A 124 2.73 12.98 7.62
CA ASN A 124 2.02 11.95 8.33
C ASN A 124 1.86 10.70 7.46
N TRP A 125 1.54 10.84 6.18
CA TRP A 125 1.44 9.68 5.28
C TRP A 125 2.77 8.95 5.14
N CYS A 126 3.88 9.68 5.03
CA CYS A 126 5.20 9.08 5.03
C CYS A 126 5.48 8.26 6.29
N VAL A 127 5.08 8.75 7.47
CA VAL A 127 5.22 8.05 8.74
C VAL A 127 4.41 6.75 8.70
N GLN A 128 3.17 6.82 8.23
CA GLN A 128 2.24 5.70 8.25
C GLN A 128 2.70 4.58 7.32
N ILE A 129 3.17 4.93 6.13
CA ILE A 129 3.70 3.99 5.17
C ILE A 129 4.97 3.35 5.74
N ALA A 130 5.86 4.11 6.38
CA ALA A 130 7.03 3.54 7.02
C ALA A 130 6.65 2.58 8.15
N LYS A 131 5.62 2.88 8.96
CA LYS A 131 5.10 1.99 9.98
C LYS A 131 4.59 0.68 9.39
N GLY A 132 3.79 0.75 8.32
CA GLY A 132 3.29 -0.43 7.65
C GLY A 132 4.42 -1.31 7.12
N MET A 133 5.42 -0.69 6.50
CA MET A 133 6.56 -1.39 5.93
C MET A 133 7.48 -1.97 7.00
N ASN A 134 7.70 -1.27 8.11
CA ASN A 134 8.40 -1.82 9.24
C ASN A 134 7.69 -3.05 9.80
N TYR A 135 6.36 -3.03 9.89
CA TYR A 135 5.60 -4.21 10.29
C TYR A 135 5.83 -5.38 9.32
N LEU A 136 5.73 -5.15 8.01
CA LEU A 136 6.00 -6.19 7.03
C LEU A 136 7.43 -6.74 7.17
N GLU A 137 8.42 -5.89 7.45
CA GLU A 137 9.78 -6.34 7.70
C GLU A 137 9.86 -7.20 8.95
N ASP A 138 9.17 -6.83 10.03
CA ASP A 138 9.09 -7.64 11.25
C ASP A 138 8.48 -9.01 10.94
N ARG A 139 7.59 -9.11 9.96
CA ARG A 139 6.96 -10.36 9.58
C ARG A 139 7.73 -11.07 8.46
N ARG A 140 8.91 -10.56 8.11
CA ARG A 140 9.77 -11.14 7.09
C ARG A 140 9.16 -11.13 5.69
N LEU A 141 8.22 -10.23 5.44
CA LEU A 141 7.66 -10.04 4.12
C LEU A 141 8.41 -8.95 3.38
N VAL A 142 8.78 -9.24 2.12
CA VAL A 142 9.25 -8.25 1.16
C VAL A 142 8.09 -8.00 0.20
N HIS A 143 7.65 -6.74 0.09
CA HIS A 143 6.43 -6.39 -0.64
C HIS A 143 6.64 -6.45 -2.16
N ARG A 144 7.77 -5.91 -2.64
CA ARG A 144 8.20 -5.92 -4.04
C ARG A 144 7.36 -5.07 -5.01
N ASP A 145 6.27 -4.40 -4.54
CA ASP A 145 5.46 -3.52 -5.37
C ASP A 145 4.97 -2.29 -4.58
N LEU A 146 5.82 -1.73 -3.70
CA LEU A 146 5.46 -0.50 -3.01
C LEU A 146 5.54 0.68 -3.98
N ALA A 147 4.42 1.39 -4.06
CA ALA A 147 4.21 2.56 -4.90
C ALA A 147 2.97 3.28 -4.39
N ALA A 148 2.77 4.56 -4.72
CA ALA A 148 1.60 5.29 -4.23
C ALA A 148 0.27 4.72 -4.75
N ARG A 149 0.30 4.00 -5.89
CA ARG A 149 -0.86 3.26 -6.40
C ARG A 149 -1.30 2.10 -5.49
N ASN A 150 -0.39 1.58 -4.66
CA ASN A 150 -0.62 0.46 -3.75
C ASN A 150 -0.70 0.89 -2.28
N VAL A 151 -0.90 2.19 -2.04
CA VAL A 151 -1.28 2.73 -0.74
C VAL A 151 -2.72 3.21 -0.87
N LEU A 152 -3.61 2.76 0.00
CA LEU A 152 -5.01 3.13 -0.02
C LEU A 152 -5.34 4.05 1.14
N VAL A 153 -6.43 4.79 0.98
CA VAL A 153 -6.84 5.84 1.89
C VAL A 153 -8.14 5.42 2.56
N LYS A 154 -8.08 5.07 3.86
CA LYS A 154 -9.26 4.77 4.68
C LYS A 154 -10.01 6.06 5.00
N THR A 155 -9.26 7.06 5.46
CA THR A 155 -9.66 8.45 5.58
C THR A 155 -8.44 9.27 5.15
N PRO A 156 -8.59 10.57 4.86
CA PRO A 156 -7.42 11.41 4.55
C PRO A 156 -6.35 11.37 5.64
N GLN A 157 -6.74 11.07 6.90
CA GLN A 157 -5.81 10.95 8.00
C GLN A 157 -5.17 9.55 8.14
N HIS A 158 -5.60 8.53 7.39
CA HIS A 158 -5.22 7.15 7.67
C HIS A 158 -5.07 6.36 6.38
N VAL A 159 -3.82 6.01 6.05
CA VAL A 159 -3.51 5.23 4.86
C VAL A 159 -2.95 3.86 5.23
N LYS A 160 -3.06 2.92 4.30
CA LYS A 160 -2.61 1.54 4.48
C LYS A 160 -2.01 0.99 3.19
N ILE A 161 -0.96 0.19 3.33
CA ILE A 161 -0.35 -0.55 2.23
C ILE A 161 -1.24 -1.74 1.85
N THR A 162 -1.35 -2.01 0.55
CA THR A 162 -2.12 -3.12 0.01
C THR A 162 -1.38 -3.79 -1.15
N ASP A 163 -2.08 -4.66 -1.88
CA ASP A 163 -1.57 -5.25 -3.12
C ASP A 163 -0.34 -6.14 -2.89
N PHE A 164 -0.59 -7.27 -2.25
CA PHE A 164 0.46 -8.22 -1.93
C PHE A 164 0.71 -9.25 -3.04
N GLY A 165 0.24 -8.98 -4.28
CA GLY A 165 0.35 -9.91 -5.40
C GLY A 165 1.78 -10.30 -5.80
N LEU A 166 2.78 -9.46 -5.47
CA LEU A 166 4.19 -9.79 -5.68
C LEU A 166 4.95 -10.09 -4.38
N ALA A 167 4.31 -10.08 -3.21
CA ALA A 167 5.03 -10.20 -1.95
C ALA A 167 5.56 -11.61 -1.71
N LYS A 168 6.73 -11.68 -1.04
CA LYS A 168 7.38 -12.95 -0.75
C LYS A 168 7.89 -13.01 0.70
N LEU A 169 7.81 -14.20 1.33
CA LEU A 169 8.26 -14.40 2.70
C LEU A 169 9.71 -14.88 2.69
N LEU A 170 10.60 -14.17 3.37
CA LEU A 170 11.97 -14.64 3.56
C LEU A 170 12.03 -15.70 4.66
N GLY A 171 12.69 -16.83 4.35
CA GLY A 171 12.91 -17.89 5.31
C GLY A 171 13.63 -17.40 6.56
N ALA A 172 13.68 -18.26 7.59
CA ALA A 172 14.19 -17.90 8.90
C ALA A 172 15.52 -17.15 8.81
N GLU A 173 16.49 -17.76 8.12
CA GLU A 173 17.85 -17.22 8.05
C GLU A 173 18.12 -16.62 6.68
N GLU A 174 17.11 -16.58 5.81
CA GLU A 174 17.25 -16.06 4.45
C GLU A 174 17.31 -14.53 4.50
N LYS A 175 18.12 -13.95 3.60
CA LYS A 175 18.38 -12.51 3.58
C LYS A 175 17.82 -11.87 2.30
N GLU A 176 17.73 -12.64 1.20
CA GLU A 176 17.33 -12.14 -0.11
C GLU A 176 16.41 -13.11 -0.85
N TYR A 177 15.31 -12.59 -1.44
CA TYR A 177 14.56 -13.32 -2.44
C TYR A 177 15.18 -13.12 -3.82
N HIS A 178 15.08 -14.15 -4.66
N HIS A 178 15.14 -14.18 -4.64
CA HIS A 178 15.73 -14.18 -5.97
CA HIS A 178 15.72 -14.20 -5.97
C HIS A 178 14.70 -14.66 -7.01
C HIS A 178 14.65 -14.66 -6.96
N ALA A 179 14.09 -13.71 -7.71
CA ALA A 179 13.02 -13.98 -8.67
C ALA A 179 13.54 -14.46 -10.04
N GLU A 180 12.61 -14.65 -10.98
CA GLU A 180 12.93 -15.03 -12.35
C GLU A 180 11.73 -14.76 -13.25
N GLY A 181 11.90 -13.81 -14.20
CA GLY A 181 10.86 -13.49 -15.17
C GLY A 181 9.70 -12.73 -14.54
N GLY A 182 8.58 -12.65 -15.28
CA GLY A 182 7.36 -11.99 -14.82
C GLY A 182 7.40 -10.48 -15.04
N LYS A 183 6.22 -9.86 -14.99
CA LYS A 183 6.07 -8.42 -15.16
C LYS A 183 6.58 -7.70 -13.92
N VAL A 184 7.35 -6.62 -14.13
CA VAL A 184 7.98 -5.88 -13.04
C VAL A 184 7.89 -4.35 -13.22
N PRO A 185 7.61 -3.59 -12.12
CA PRO A 185 7.50 -2.13 -12.16
C PRO A 185 8.88 -1.48 -11.99
N ILE A 186 9.63 -1.42 -13.10
CA ILE A 186 11.04 -1.05 -13.08
C ILE A 186 11.33 0.31 -12.43
N LYS A 187 10.43 1.29 -12.58
CA LYS A 187 10.66 2.65 -12.09
C LYS A 187 10.58 2.79 -10.56
N TRP A 188 10.15 1.75 -9.83
CA TRP A 188 10.16 1.69 -8.37
C TRP A 188 11.21 0.73 -7.82
N MET A 189 11.89 -0.04 -8.68
CA MET A 189 12.79 -1.10 -8.24
C MET A 189 14.19 -0.56 -7.92
N ALA A 190 14.81 -1.16 -6.90
CA ALA A 190 16.21 -0.93 -6.62
C ALA A 190 17.09 -1.45 -7.76
N LEU A 191 18.28 -0.87 -7.91
CA LEU A 191 19.15 -1.25 -9.01
C LEU A 191 19.54 -2.73 -8.94
N GLU A 192 19.87 -3.28 -7.76
CA GLU A 192 20.18 -4.69 -7.62
C GLU A 192 19.00 -5.60 -7.99
N SER A 193 17.77 -5.10 -7.86
CA SER A 193 16.60 -5.86 -8.26
C SER A 193 16.50 -5.90 -9.78
N ILE A 194 16.79 -4.78 -10.45
CA ILE A 194 16.79 -4.70 -11.91
C ILE A 194 17.91 -5.55 -12.51
N LEU A 195 19.12 -5.42 -11.98
CA LEU A 195 20.29 -6.12 -12.50
C LEU A 195 20.24 -7.62 -12.22
N HIS A 196 19.95 -8.00 -10.96
CA HIS A 196 20.26 -9.32 -10.45
C HIS A 196 19.05 -10.04 -9.84
N ARG A 197 17.85 -9.47 -9.93
CA ARG A 197 16.62 -10.03 -9.35
C ARG A 197 16.69 -10.26 -7.84
N ILE A 198 17.58 -9.56 -7.16
CA ILE A 198 17.69 -9.60 -5.71
C ILE A 198 16.62 -8.70 -5.10
N TYR A 199 15.86 -9.21 -4.12
CA TYR A 199 14.87 -8.43 -3.39
C TYR A 199 15.06 -8.61 -1.89
N THR A 200 15.00 -7.49 -1.15
CA THR A 200 15.16 -7.47 0.30
C THR A 200 14.30 -6.36 0.89
N HIS A 201 14.33 -6.24 2.20
CA HIS A 201 13.63 -5.14 2.83
C HIS A 201 14.26 -3.82 2.38
N GLN A 202 15.58 -3.82 2.13
CA GLN A 202 16.28 -2.65 1.64
C GLN A 202 15.99 -2.34 0.17
N SER A 203 15.52 -3.30 -0.65
CA SER A 203 15.02 -2.97 -1.96
C SER A 203 13.63 -2.33 -1.87
N ASP A 204 12.80 -2.74 -0.90
CA ASP A 204 11.56 -2.04 -0.60
C ASP A 204 11.80 -0.61 -0.11
N VAL A 205 12.86 -0.35 0.66
CA VAL A 205 13.25 1.00 1.04
C VAL A 205 13.48 1.90 -0.18
N TRP A 206 14.11 1.39 -1.23
CA TRP A 206 14.24 2.15 -2.48
C TRP A 206 12.86 2.54 -3.02
N SER A 207 11.95 1.58 -3.09
CA SER A 207 10.59 1.80 -3.57
C SER A 207 9.82 2.78 -2.67
N TYR A 208 10.08 2.77 -1.36
CA TYR A 208 9.56 3.76 -0.45
C TYR A 208 10.06 5.15 -0.81
N GLY A 209 11.36 5.30 -1.10
CA GLY A 209 11.90 6.55 -1.57
C GLY A 209 11.19 7.07 -2.82
N VAL A 210 10.96 6.20 -3.82
CA VAL A 210 10.18 6.57 -5.00
C VAL A 210 8.74 6.93 -4.64
N THR A 211 8.11 6.18 -3.72
CA THR A 211 6.77 6.47 -3.27
C THR A 211 6.67 7.85 -2.63
N VAL A 212 7.61 8.22 -1.75
CA VAL A 212 7.66 9.54 -1.16
C VAL A 212 7.81 10.62 -2.24
N TRP A 213 8.65 10.40 -3.23
CA TRP A 213 8.78 11.31 -4.36
C TRP A 213 7.46 11.50 -5.13
N GLU A 214 6.72 10.42 -5.39
CA GLU A 214 5.37 10.53 -5.96
C GLU A 214 4.47 11.43 -5.12
N LEU A 215 4.43 11.26 -3.79
CA LEU A 215 3.60 12.09 -2.92
C LEU A 215 4.03 13.56 -2.95
N MET A 216 5.33 13.82 -2.83
CA MET A 216 5.86 15.17 -2.73
C MET A 216 5.74 15.95 -4.04
N THR A 217 5.63 15.27 -5.18
CA THR A 217 5.34 15.92 -6.44
C THR A 217 3.85 15.86 -6.75
N PHE A 218 2.96 15.57 -5.79
CA PHE A 218 1.51 15.46 -6.00
C PHE A 218 1.12 14.50 -7.12
N GLY A 219 1.84 13.38 -7.21
CA GLY A 219 1.53 12.26 -8.08
C GLY A 219 2.16 12.33 -9.46
N SER A 220 3.31 13.00 -9.60
CA SER A 220 4.04 12.95 -10.86
C SER A 220 4.56 11.54 -11.16
N LYS A 221 4.68 11.21 -12.44
CA LYS A 221 5.24 9.92 -12.87
C LYS A 221 6.76 9.96 -12.75
N PRO A 222 7.41 8.99 -12.07
CA PRO A 222 8.86 8.98 -11.98
C PRO A 222 9.44 8.68 -13.36
N TYR A 223 10.55 9.36 -13.72
CA TYR A 223 11.22 9.20 -15.01
C TYR A 223 10.26 9.31 -16.20
N ASP A 224 9.45 10.36 -16.24
CA ASP A 224 8.39 10.50 -17.23
C ASP A 224 8.96 10.59 -18.66
N GLY A 225 8.35 9.84 -19.58
CA GLY A 225 8.80 9.74 -20.96
C GLY A 225 10.01 8.81 -21.17
N ILE A 226 10.74 8.43 -20.11
CA ILE A 226 11.87 7.53 -20.23
C ILE A 226 11.37 6.10 -20.39
N PRO A 227 11.85 5.35 -21.43
CA PRO A 227 11.45 3.96 -21.60
C PRO A 227 12.05 3.08 -20.51
N ALA A 228 11.29 2.07 -20.08
CA ALA A 228 11.70 1.12 -19.04
C ALA A 228 13.09 0.53 -19.28
N SER A 229 13.42 0.20 -20.54
CA SER A 229 14.70 -0.41 -20.90
C SER A 229 15.93 0.47 -20.63
N GLU A 230 15.75 1.79 -20.45
CA GLU A 230 16.85 2.71 -20.19
C GLU A 230 17.14 2.92 -18.69
N ILE A 231 16.20 2.57 -17.80
CA ILE A 231 16.26 2.93 -16.38
C ILE A 231 17.51 2.38 -15.68
N SER A 232 17.92 1.12 -15.94
CA SER A 232 19.11 0.58 -15.32
C SER A 232 20.37 1.39 -15.69
N SER A 233 20.46 1.87 -16.93
CA SER A 233 21.62 2.63 -17.41
C SER A 233 21.70 4.00 -16.74
N ILE A 234 20.56 4.69 -16.66
CA ILE A 234 20.39 5.94 -15.94
C ILE A 234 20.85 5.81 -14.49
N LEU A 235 20.35 4.79 -13.78
CA LEU A 235 20.69 4.55 -12.40
C LEU A 235 22.16 4.19 -12.20
N GLU A 236 22.75 3.37 -13.08
CA GLU A 236 24.18 3.02 -13.03
C GLU A 236 25.09 4.23 -13.25
N LYS A 237 24.70 5.17 -14.13
CA LYS A 237 25.38 6.45 -14.31
C LYS A 237 25.31 7.37 -13.08
N GLY A 238 24.45 7.03 -12.11
CA GLY A 238 24.31 7.76 -10.86
C GLY A 238 23.18 8.79 -10.87
N GLU A 239 22.33 8.75 -11.91
CA GLU A 239 21.19 9.64 -11.96
C GLU A 239 20.07 9.19 -11.01
N ARG A 240 19.32 10.16 -10.49
CA ARG A 240 18.20 9.89 -9.59
C ARG A 240 17.09 10.89 -9.86
N LEU A 241 15.90 10.62 -9.29
CA LEU A 241 14.77 11.53 -9.40
C LEU A 241 15.12 12.89 -8.79
N PRO A 242 14.67 14.01 -9.40
CA PRO A 242 15.07 15.35 -8.97
C PRO A 242 14.41 15.74 -7.65
N GLN A 243 14.95 16.78 -7.01
CA GLN A 243 14.35 17.35 -5.80
C GLN A 243 12.99 17.98 -6.11
N PRO A 244 11.88 17.51 -5.47
CA PRO A 244 10.58 18.13 -5.69
C PRO A 244 10.57 19.57 -5.21
N PRO A 245 9.84 20.49 -5.89
CA PRO A 245 9.80 21.90 -5.52
C PRO A 245 9.49 22.19 -4.06
N ILE A 246 8.59 21.41 -3.45
CA ILE A 246 8.20 21.63 -2.05
C ILE A 246 9.22 21.10 -1.04
N CYS A 247 10.15 20.22 -1.46
CA CYS A 247 11.03 19.54 -0.54
C CYS A 247 12.19 20.44 -0.13
N THR A 248 12.36 20.58 1.19
CA THR A 248 13.64 20.99 1.74
C THR A 248 14.70 19.92 1.46
N ILE A 249 15.96 20.33 1.56
CA ILE A 249 17.08 19.40 1.48
C ILE A 249 16.99 18.30 2.53
N ASP A 250 16.44 18.57 3.72
CA ASP A 250 16.24 17.56 4.76
C ASP A 250 15.40 16.38 4.26
N VAL A 251 14.29 16.67 3.58
CA VAL A 251 13.39 15.65 3.05
C VAL A 251 14.02 14.97 1.84
N TYR A 252 14.57 15.74 0.90
CA TYR A 252 15.14 15.16 -0.30
C TYR A 252 16.36 14.30 -0.01
N MET A 253 17.15 14.65 1.00
CA MET A 253 18.28 13.82 1.35
C MET A 253 17.82 12.44 1.88
N ILE A 254 16.70 12.37 2.59
CA ILE A 254 16.16 11.10 3.03
C ILE A 254 15.77 10.23 1.82
N MET A 255 15.14 10.81 0.80
CA MET A 255 14.86 10.12 -0.46
C MET A 255 16.16 9.63 -1.12
N VAL A 256 17.17 10.50 -1.25
CA VAL A 256 18.44 10.15 -1.88
C VAL A 256 19.13 9.01 -1.14
N LYS A 257 19.10 8.99 0.19
CA LYS A 257 19.64 7.88 0.99
C LYS A 257 18.93 6.55 0.69
N CYS A 258 17.62 6.56 0.41
CA CYS A 258 16.90 5.37 -0.02
C CYS A 258 17.37 4.82 -1.37
N TRP A 259 18.06 5.63 -2.19
CA TRP A 259 18.49 5.26 -3.53
C TRP A 259 20.01 5.06 -3.66
N MET A 260 20.69 4.76 -2.55
N MET A 260 20.67 4.76 -2.53
CA MET A 260 22.12 4.50 -2.57
CA MET A 260 22.10 4.44 -2.49
C MET A 260 22.37 3.09 -3.10
C MET A 260 22.34 3.09 -3.18
N ILE A 261 23.56 2.88 -3.68
CA ILE A 261 23.91 1.61 -4.32
C ILE A 261 24.05 0.51 -3.26
N ASP A 262 24.75 0.79 -2.15
CA ASP A 262 24.88 -0.15 -1.07
C ASP A 262 23.55 -0.23 -0.30
N ALA A 263 22.84 -1.35 -0.44
CA ALA A 263 21.52 -1.51 0.13
C ALA A 263 21.52 -1.38 1.65
N ASP A 264 22.57 -1.88 2.32
CA ASP A 264 22.70 -1.78 3.77
C ASP A 264 23.00 -0.35 4.26
N SER A 265 23.45 0.55 3.37
CA SER A 265 23.63 1.96 3.68
C SER A 265 22.34 2.77 3.59
N ARG A 266 21.29 2.24 2.94
CA ARG A 266 19.99 2.87 2.89
C ARG A 266 19.35 2.91 4.28
N PRO A 267 18.42 3.84 4.58
CA PRO A 267 17.75 3.85 5.87
C PRO A 267 16.99 2.54 6.11
N LYS A 268 16.80 2.18 7.39
CA LYS A 268 15.85 1.15 7.79
C LYS A 268 14.46 1.78 7.92
N PHE A 269 13.38 1.00 7.73
CA PHE A 269 12.04 1.52 7.93
C PHE A 269 11.84 2.09 9.34
N ARG A 270 12.46 1.49 10.37
N ARG A 270 12.45 1.49 10.37
CA ARG A 270 12.33 2.00 11.73
CA ARG A 270 12.33 1.99 11.73
C ARG A 270 12.93 3.40 11.87
C ARG A 270 12.93 3.40 11.87
N GLU A 271 13.99 3.71 11.11
CA GLU A 271 14.62 5.02 11.14
C GLU A 271 13.78 6.04 10.39
N LEU A 272 13.21 5.62 9.26
CA LEU A 272 12.30 6.47 8.50
C LEU A 272 11.09 6.88 9.33
N ILE A 273 10.53 5.97 10.16
CA ILE A 273 9.47 6.32 11.09
C ILE A 273 9.93 7.48 12.00
N ILE A 274 11.10 7.34 12.62
CA ILE A 274 11.65 8.35 13.53
C ILE A 274 11.87 9.68 12.82
N GLU A 275 12.56 9.70 11.68
CA GLU A 275 12.86 10.94 10.99
C GLU A 275 11.61 11.66 10.47
N PHE A 276 10.70 10.96 9.79
CA PHE A 276 9.48 11.57 9.34
C PHE A 276 8.61 12.00 10.51
N SER A 277 8.68 11.29 11.65
N SER A 277 8.67 11.29 11.65
CA SER A 277 7.91 11.66 12.83
CA SER A 277 7.90 11.66 12.83
C SER A 277 8.41 12.98 13.43
C SER A 277 8.41 12.97 13.44
N LYS A 278 9.74 13.15 13.47
CA LYS A 278 10.32 14.40 13.94
C LYS A 278 9.86 15.56 13.06
N MET A 279 9.91 15.36 11.75
CA MET A 279 9.53 16.37 10.77
C MET A 279 8.03 16.67 10.84
N ALA A 280 7.20 15.67 11.14
CA ALA A 280 5.75 15.88 11.24
C ALA A 280 5.37 16.75 12.44
N ARG A 281 6.28 16.99 13.39
CA ARG A 281 6.00 17.87 14.51
C ARG A 281 6.22 19.33 14.16
N ASP A 282 6.95 19.64 13.08
CA ASP A 282 7.10 21.01 12.60
C ASP A 282 7.08 21.00 11.07
N PRO A 283 5.94 20.64 10.45
CA PRO A 283 5.94 20.23 9.05
C PRO A 283 6.33 21.34 8.09
N GLN A 284 6.06 22.60 8.44
CA GLN A 284 6.40 23.73 7.58
C GLN A 284 7.90 24.07 7.58
N ARG A 285 8.69 23.52 8.52
CA ARG A 285 10.14 23.57 8.47
C ARG A 285 10.73 22.62 7.41
N TYR A 286 9.96 21.64 6.95
CA TYR A 286 10.46 20.54 6.13
C TYR A 286 9.81 20.46 4.74
N LEU A 287 8.59 20.97 4.57
CA LEU A 287 7.97 21.13 3.27
C LEU A 287 7.44 22.56 3.12
N VAL A 288 7.68 23.17 1.94
CA VAL A 288 7.29 24.54 1.65
C VAL A 288 6.16 24.52 0.61
N ILE A 289 4.93 24.68 1.08
CA ILE A 289 3.73 24.63 0.24
C ILE A 289 3.01 25.99 0.30
N GLN A 290 2.71 26.56 -0.88
CA GLN A 290 1.98 27.82 -0.97
C GLN A 290 0.58 27.66 -0.36
N GLY A 291 0.28 28.43 0.70
CA GLY A 291 -1.06 28.45 1.32
C GLY A 291 -1.30 27.38 2.38
N ASP A 292 -0.24 26.66 2.79
CA ASP A 292 -0.33 25.49 3.66
C ASP A 292 -1.11 25.71 4.95
N GLU A 293 -0.92 26.88 5.60
CA GLU A 293 -1.52 27.16 6.89
C GLU A 293 -3.06 27.00 6.87
N ARG A 294 -3.73 27.27 5.72
CA ARG A 294 -5.19 27.34 5.62
C ARG A 294 -5.85 26.06 5.11
N MET A 295 -5.11 24.97 4.91
CA MET A 295 -5.63 23.79 4.24
C MET A 295 -6.29 22.80 5.21
N HIS A 296 -7.34 22.12 4.70
CA HIS A 296 -8.07 21.12 5.45
C HIS A 296 -8.70 20.06 4.50
N LEU A 297 -8.84 18.80 5.00
CA LEU A 297 -9.44 17.70 4.24
C LEU A 297 -10.49 16.98 5.10
N PRO A 298 -11.41 16.19 4.49
CA PRO A 298 -12.50 15.55 5.22
C PRO A 298 -12.06 14.71 6.42
N SER A 299 -12.83 14.82 7.52
CA SER A 299 -12.61 14.08 8.77
C SER A 299 -13.87 13.29 9.13
N PRO A 300 -13.75 12.11 9.79
CA PRO A 300 -14.91 11.32 10.23
C PRO A 300 -15.90 12.06 11.11
N THR A 301 -15.49 13.22 11.59
CA THR A 301 -16.39 14.03 12.36
C THR A 301 -17.37 14.79 11.47
N ASP A 302 -17.06 14.93 10.16
CA ASP A 302 -17.85 15.73 9.25
C ASP A 302 -19.21 15.09 9.01
N SER A 303 -20.25 15.92 8.90
CA SER A 303 -21.64 15.49 8.83
C SER A 303 -21.82 14.39 7.77
N ASN A 304 -21.47 14.75 6.52
CA ASN A 304 -21.74 13.88 5.38
C ASN A 304 -20.53 13.00 5.08
N PHE A 305 -19.65 12.79 6.06
CA PHE A 305 -18.52 11.89 5.86
C PHE A 305 -19.05 10.50 5.53
N TYR A 306 -19.84 9.95 6.47
CA TYR A 306 -20.36 8.60 6.36
C TYR A 306 -21.49 8.54 5.32
N ARG A 307 -22.27 9.63 5.22
CA ARG A 307 -23.40 9.68 4.32
C ARG A 307 -22.94 9.72 2.86
N ALA A 308 -21.73 10.26 2.62
CA ALA A 308 -21.15 10.29 1.28
C ALA A 308 -20.94 8.86 0.77
N LEU A 309 -20.39 8.00 1.63
CA LEU A 309 -20.18 6.60 1.30
C LEU A 309 -21.51 5.85 1.34
N MET A 310 -22.11 5.79 2.54
CA MET A 310 -23.14 4.81 2.85
C MET A 310 -24.52 5.36 2.49
N ASP A 311 -25.40 4.44 2.05
CA ASP A 311 -26.83 4.72 1.98
C ASP A 311 -27.37 4.82 3.40
N GLU A 312 -28.38 5.69 3.59
CA GLU A 312 -28.90 6.00 4.92
C GLU A 312 -29.71 4.82 5.45
N GLU A 313 -30.21 3.97 4.54
CA GLU A 313 -30.95 2.77 4.90
C GLU A 313 -30.05 1.79 5.66
N ASP A 314 -28.74 1.83 5.39
CA ASP A 314 -27.80 0.87 5.94
C ASP A 314 -27.16 1.41 7.22
N MET A 315 -27.07 2.74 7.37
CA MET A 315 -26.11 3.36 8.28
C MET A 315 -26.26 3.00 9.77
N ASP A 316 -27.44 2.55 10.23
CA ASP A 316 -27.63 2.16 11.62
C ASP A 316 -26.69 1.02 12.05
N ASP A 317 -26.39 0.09 11.16
CA ASP A 317 -25.63 -1.08 11.57
C ASP A 317 -24.26 -1.16 10.89
N VAL A 318 -23.88 -0.10 10.18
CA VAL A 318 -22.58 -0.06 9.56
C VAL A 318 -21.48 -0.11 10.63
N VAL A 319 -20.51 -1.00 10.40
CA VAL A 319 -19.33 -1.15 11.22
C VAL A 319 -18.13 -1.15 10.28
N ASP A 320 -17.12 -0.36 10.61
CA ASP A 320 -15.85 -0.47 9.90
C ASP A 320 -15.15 -1.78 10.27
N ALA A 321 -14.52 -2.43 9.30
CA ALA A 321 -13.91 -3.73 9.54
C ALA A 321 -12.81 -3.70 10.60
N ASP A 322 -12.12 -2.58 10.81
CA ASP A 322 -11.11 -2.48 11.87
C ASP A 322 -11.69 -2.62 13.28
N GLU A 323 -12.99 -2.32 13.46
CA GLU A 323 -13.70 -2.55 14.71
C GLU A 323 -14.42 -3.91 14.74
N TYR A 324 -14.48 -4.64 13.62
CA TYR A 324 -15.07 -5.97 13.63
C TYR A 324 -13.96 -6.97 13.88
N LEU A 325 -13.86 -7.40 15.13
CA LEU A 325 -12.75 -8.25 15.51
C LEU A 325 -13.23 -9.63 15.95
N ILE A 326 -12.54 -10.66 15.47
CA ILE A 326 -12.90 -12.01 15.85
C ILE A 326 -11.78 -12.61 16.70
N PRO A 327 -12.10 -13.54 17.62
CA PRO A 327 -11.10 -14.16 18.49
C PRO A 327 -9.91 -14.73 17.71
C1 GOL B . -6.55 0.95 -6.44
O1 GOL B . -6.52 0.98 -7.86
C2 GOL B . -6.07 -0.38 -5.89
O2 GOL B . -6.50 -1.44 -6.74
C3 GOL B . -4.56 -0.43 -5.70
O3 GOL B . -4.09 -1.75 -5.47
CL CL C . 0.15 6.92 -13.61
N1 D0D D . -10.36 4.34 -7.88
N1 D0D D . -10.36 4.32 -7.82
N1 D0D D . -10.24 4.32 -7.91
N3 D0D D . -8.94 -2.62 -1.32
C4 D0D D . -10.38 0.57 -4.59
C5 D0D D . -9.63 -0.52 -4.27
C6 D0D D . -10.30 1.05 -5.94
C7 D0D D . -10.19 0.14 -6.95
C8 D0D D . -10.15 1.82 -8.52
C10 D0D D . -10.33 2.40 -6.22
C13 D0D D . -8.89 -2.16 -2.57
C15 D0D D . -8.09 -5.19 -2.88
C17 D0D D . -10.18 -6.35 -2.98
C20 D0D D . -7.50 -6.29 -2.30
C21 D0D D . -6.27 -4.22 -4.26
CL D0D D . -10.06 2.19 -10.20
N D0D D . -10.12 0.50 -8.23
C9 D0D D . -10.27 2.89 -7.58
S D0D D . -9.42 5.49 -7.18
S D0D D . -9.36 5.40 -7.13
S D0D D . -9.50 5.47 -6.99
O1 D0D D . -9.30 6.51 -8.14
O1 D0D D . -10.03 5.79 -5.95
O1 D0D D . -8.25 4.92 -6.66
C11 D0D D . -10.37 6.05 -5.93
C11 D0D D . -8.01 4.49 -6.72
C11 D0D D . -9.25 6.76 -8.05
O D0D D . -8.27 4.86 -6.68
O D0D D . -9.01 6.37 -8.09
O D0D D . -10.42 5.84 -5.99
C3 D0D D . -11.19 1.19 -3.62
C2 D0D D . -11.24 0.71 -2.36
C D0D D . -9.67 -1.03 -2.98
C12 D0D D . -9.76 -1.93 -0.48
N2 D0D D . -10.53 -0.88 -0.74
C1 D0D D . -10.46 -0.43 -2.02
N4 D0D D . -8.09 -2.79 -3.48
C14 D0D D . -7.25 -3.95 -3.12
C19 D0D D . -8.25 -7.44 -2.06
C18 D0D D . -9.60 -7.47 -2.41
C16 D0D D . -9.43 -5.22 -3.23
#